data_3TDV
#
_entry.id   3TDV
#
_cell.length_a   41.680
_cell.length_b   54.650
_cell.length_c   77.160
_cell.angle_alpha   89.94
_cell.angle_beta   103.83
_cell.angle_gamma   106.84
#
_symmetry.space_group_name_H-M   'P 1'
#
loop_
_entity.id
_entity.type
_entity.pdbx_description
1 polymer 'Gentamicin resistance protein'
2 non-polymer "GUANOSINE-5'-DIPHOSPHATE"
3 non-polymer 'MAGNESIUM ION'
4 water water
#
_entity_poly.entity_id   1
_entity_poly.type   'polypeptide(L)'
_entity_poly.pdbx_seq_one_letter_code
;MKQNKLHYTTMIMTQFPDISIQSVESLGEGFRNYAILVNGDWVFRFPKSQQGADELNKEIQLLPLLVGCVKVNIPQYVYI
GKRSDGNPFVGYRKVQGQILGEDGMAVFPDDAKDRLALQLAEFMNELSAFPVETAISAGVPVTNLKNKILLLSEAVEDQV
FPLLDESLRDYLTLRFQSYMTHPVYTRYTPRLIHGDLSPDHFLTNLNSRQTPLTGIIDFGDAAISDPDYDYVYLLEDCGE
LFTRQVMAYRGEVDLDTHIRKVSLFVTFDQVSYLLEGLRARDQDWISEGLELLEEDKANNFGANSA
;
_entity_poly.pdbx_strand_id   A,B
#
loop_
_chem_comp.id
_chem_comp.type
_chem_comp.name
_chem_comp.formula
GDP RNA linking GUANOSINE-5'-DIPHOSPHATE 'C10 H15 N5 O11 P2'
MG non-polymer 'MAGNESIUM ION' 'Mg 2'
#
# COMPACT_ATOMS: atom_id res chain seq x y z
N GLN A 3 26.43 32.80 -22.23
CA GLN A 3 26.02 32.54 -23.61
C GLN A 3 26.98 31.56 -24.33
N ASN A 4 27.83 32.10 -25.21
CA ASN A 4 28.83 31.29 -25.92
C ASN A 4 30.11 31.12 -25.09
N LYS A 5 31.16 30.57 -25.69
CA LYS A 5 32.33 30.14 -24.92
C LYS A 5 33.25 31.27 -24.48
N LEU A 6 33.55 32.17 -25.40
CA LEU A 6 34.36 33.34 -25.06
C LEU A 6 33.66 34.11 -23.94
N HIS A 7 32.33 34.06 -23.93
CA HIS A 7 31.58 34.83 -22.97
C HIS A 7 31.72 34.32 -21.52
N TYR A 8 31.74 33.00 -21.34
CA TYR A 8 31.99 32.45 -20.01
C TYR A 8 33.44 32.64 -19.65
N THR A 9 34.30 32.30 -20.61
CA THR A 9 35.73 32.50 -20.49
C THR A 9 36.07 33.90 -19.99
N THR A 10 35.42 34.91 -20.58
CA THR A 10 35.72 36.29 -20.26
C THR A 10 35.28 36.68 -18.84
N MET A 11 34.23 36.06 -18.32
CA MET A 11 33.85 36.32 -16.93
C MET A 11 34.94 35.86 -15.99
N ILE A 12 35.56 34.73 -16.31
CA ILE A 12 36.60 34.16 -15.44
C ILE A 12 37.86 35.03 -15.46
N MET A 13 38.36 35.29 -16.66
CA MET A 13 39.50 36.17 -16.82
C MET A 13 39.33 37.49 -16.05
N THR A 14 38.20 38.16 -16.21
CA THR A 14 37.97 39.43 -15.51
C THR A 14 37.91 39.31 -13.97
N GLN A 15 37.15 38.33 -13.47
CA GLN A 15 37.01 38.14 -12.02
C GLN A 15 38.14 37.30 -11.39
N PHE A 16 38.75 36.42 -12.18
CA PHE A 16 39.83 35.58 -11.65
C PHE A 16 41.04 35.64 -12.61
N PRO A 17 41.67 36.81 -12.71
CA PRO A 17 42.72 36.94 -13.73
C PRO A 17 43.95 36.07 -13.45
N ASP A 18 44.14 35.61 -12.21
CA ASP A 18 45.28 34.74 -11.96
C ASP A 18 45.07 33.29 -12.38
N ILE A 19 43.85 32.93 -12.74
CA ILE A 19 43.66 31.63 -13.39
C ILE A 19 44.29 31.67 -14.78
N SER A 20 45.46 31.05 -14.95
CA SER A 20 46.05 30.99 -16.30
C SER A 20 45.30 29.96 -17.17
N ILE A 21 44.54 30.44 -18.14
CA ILE A 21 43.72 29.51 -18.93
C ILE A 21 44.44 28.90 -20.13
N GLN A 22 44.62 27.59 -20.09
CA GLN A 22 45.30 26.87 -21.17
C GLN A 22 44.34 26.02 -22.00
N SER A 23 43.27 25.53 -21.39
CA SER A 23 42.26 24.79 -22.15
C SER A 23 40.85 25.06 -21.60
N VAL A 24 39.87 25.07 -22.47
CA VAL A 24 38.48 25.28 -22.08
C VAL A 24 37.58 24.34 -22.85
N GLU A 25 36.72 23.61 -22.12
CA GLU A 25 35.85 22.62 -22.76
C GLU A 25 34.46 22.64 -22.17
N SER A 26 33.48 22.22 -22.96
CA SER A 26 32.17 21.94 -22.37
C SER A 26 32.32 20.71 -21.49
N LEU A 27 31.69 20.71 -20.31
CA LEU A 27 31.78 19.56 -19.42
C LEU A 27 30.46 18.83 -19.28
N GLY A 28 29.38 19.58 -19.11
CA GLY A 28 28.07 18.99 -18.93
C GLY A 28 27.00 20.05 -18.79
N GLU A 29 25.75 19.59 -18.73
CA GLU A 29 24.63 20.51 -18.76
C GLU A 29 23.37 19.84 -18.23
N GLY A 30 22.60 20.59 -17.44
CA GLY A 30 21.34 20.11 -16.94
C GLY A 30 20.26 21.15 -17.18
N PHE A 31 19.18 21.08 -16.40
CA PHE A 31 18.11 22.05 -16.54
C PHE A 31 18.47 23.34 -15.81
N ARG A 32 19.31 23.24 -14.79
CA ARG A 32 19.62 24.40 -13.98
C ARG A 32 20.96 25.03 -14.32
N ASN A 33 21.90 24.22 -14.82
CA ASN A 33 23.28 24.71 -14.97
C ASN A 33 24.00 24.29 -16.22
N TYR A 34 25.03 25.06 -16.55
CA TYR A 34 25.96 24.76 -17.63
C TYR A 34 27.37 24.77 -17.08
N ALA A 35 28.08 23.67 -17.29
CA ALA A 35 29.38 23.48 -16.67
C ALA A 35 30.46 23.38 -17.73
N ILE A 36 31.55 24.11 -17.54
CA ILE A 36 32.72 23.94 -18.39
C ILE A 36 33.89 23.44 -17.57
N LEU A 37 34.93 23.00 -18.27
CA LEU A 37 36.09 22.41 -17.63
C LEU A 37 37.29 23.22 -18.09
N VAL A 38 38.00 23.81 -17.13
CA VAL A 38 39.16 24.66 -17.43
C VAL A 38 40.45 23.96 -17.02
N ASN A 39 41.40 23.87 -17.95
CA ASN A 39 42.68 23.22 -17.69
C ASN A 39 42.53 21.76 -17.23
N GLY A 40 41.42 21.13 -17.60
CA GLY A 40 41.15 19.74 -17.21
C GLY A 40 40.95 19.56 -15.71
N ASP A 41 41.01 20.67 -14.97
CA ASP A 41 41.11 20.68 -13.51
C ASP A 41 39.87 21.28 -12.86
N TRP A 42 39.44 22.42 -13.39
CA TRP A 42 38.46 23.26 -12.69
C TRP A 42 37.11 23.38 -13.39
N VAL A 43 36.09 22.84 -12.72
CA VAL A 43 34.71 23.07 -13.13
C VAL A 43 34.22 24.48 -12.75
N PHE A 44 33.79 25.25 -13.75
CA PHE A 44 33.03 26.48 -13.51
C PHE A 44 31.60 26.20 -13.97
N ARG A 45 30.66 26.47 -13.08
CA ARG A 45 29.26 26.08 -13.26
C ARG A 45 28.39 27.34 -13.22
N PHE A 46 27.68 27.63 -14.32
CA PHE A 46 26.94 28.88 -14.47
C PHE A 46 25.42 28.65 -14.47
N PRO A 47 24.69 29.25 -13.53
CA PRO A 47 23.23 29.04 -13.60
C PRO A 47 22.65 29.41 -14.97
N LYS A 48 21.61 28.67 -15.36
CA LYS A 48 20.92 28.89 -16.64
C LYS A 48 19.66 29.73 -16.44
N SER A 49 19.26 29.94 -15.20
CA SER A 49 18.00 30.63 -14.90
C SER A 49 18.01 31.15 -13.48
N GLN A 50 16.99 31.93 -13.11
CA GLN A 50 16.85 32.36 -11.72
C GLN A 50 16.76 31.16 -10.76
N GLN A 51 16.02 30.13 -11.14
CA GLN A 51 15.90 28.95 -10.28
C GLN A 51 17.29 28.35 -10.02
N GLY A 52 18.03 28.09 -11.11
CA GLY A 52 19.41 27.66 -10.99
C GLY A 52 20.20 28.52 -10.01
N ALA A 53 20.16 29.84 -10.22
CA ALA A 53 20.88 30.77 -9.36
C ALA A 53 20.45 30.61 -7.90
N ASP A 54 19.14 30.50 -7.67
CA ASP A 54 18.62 30.31 -6.30
C ASP A 54 19.09 28.98 -5.68
N GLU A 55 19.13 27.93 -6.50
CA GLU A 55 19.56 26.64 -6.02
C GLU A 55 21.05 26.66 -5.66
N LEU A 56 21.88 27.27 -6.53
CA LEU A 56 23.30 27.43 -6.23
C LEU A 56 23.50 28.22 -4.94
N ASN A 57 22.66 29.22 -4.69
CA ASN A 57 22.81 30.01 -3.46
C ASN A 57 22.70 29.16 -2.20
N LYS A 58 21.66 28.33 -2.18
CA LYS A 58 21.49 27.32 -1.14
C LYS A 58 22.72 26.39 -1.10
N GLU A 59 23.11 25.89 -2.27
CA GLU A 59 24.29 25.04 -2.41
C GLU A 59 25.55 25.70 -1.82
N ILE A 60 25.73 26.98 -2.12
CA ILE A 60 26.83 27.76 -1.58
C ILE A 60 26.89 27.71 -0.05
N GLN A 61 25.74 27.84 0.58
CA GLN A 61 25.65 27.79 2.04
C GLN A 61 25.70 26.37 2.58
N LEU A 62 25.03 25.44 1.90
CA LEU A 62 24.99 24.07 2.42
C LEU A 62 26.32 23.30 2.34
N LEU A 63 26.95 23.29 1.16
CA LEU A 63 28.07 22.39 0.92
C LEU A 63 29.26 22.54 1.86
N PRO A 64 29.65 23.78 2.18
CA PRO A 64 30.76 23.84 3.16
C PRO A 64 30.42 23.19 4.50
N LEU A 65 29.13 22.96 4.78
CA LEU A 65 28.74 22.31 6.03
C LEU A 65 28.74 20.78 5.91
N LEU A 66 28.61 20.28 4.69
CA LEU A 66 28.56 18.85 4.47
C LEU A 66 29.90 18.18 4.31
N VAL A 67 30.93 18.92 3.88
CA VAL A 67 32.20 18.27 3.60
C VAL A 67 32.70 17.43 4.75
N GLY A 68 32.76 18.04 5.93
CA GLY A 68 33.27 17.38 7.12
C GLY A 68 32.44 16.21 7.64
N CYS A 69 31.25 16.02 7.07
CA CYS A 69 30.30 15.06 7.60
C CYS A 69 29.99 13.99 6.57
N VAL A 70 30.51 14.20 5.36
CA VAL A 70 30.28 13.29 4.25
C VAL A 70 31.63 12.75 3.77
N LYS A 71 31.72 11.43 3.62
CA LYS A 71 32.97 10.73 3.34
C LYS A 71 33.42 10.84 1.88
N VAL A 72 32.50 10.63 0.93
CA VAL A 72 32.87 10.83 -0.47
C VAL A 72 33.17 12.31 -0.78
N ASN A 73 33.74 12.58 -1.96
CA ASN A 73 33.96 13.96 -2.40
C ASN A 73 32.67 14.60 -2.89
N ILE A 74 32.50 15.87 -2.53
CA ILE A 74 31.40 16.70 -3.04
C ILE A 74 31.99 18.03 -3.55
N PRO A 75 31.25 18.77 -4.41
CA PRO A 75 31.84 20.01 -4.92
C PRO A 75 32.26 20.94 -3.79
N GLN A 76 33.44 21.53 -3.92
CA GLN A 76 33.83 22.58 -2.98
C GLN A 76 34.14 23.88 -3.70
N TYR A 77 33.32 24.88 -3.42
CA TYR A 77 33.27 26.09 -4.24
C TYR A 77 34.44 27.00 -3.90
N VAL A 78 35.52 26.85 -4.65
CA VAL A 78 36.80 27.53 -4.38
C VAL A 78 36.86 28.94 -5.03
N TYR A 79 36.23 29.09 -6.20
CA TYR A 79 35.98 30.39 -6.77
C TYR A 79 34.47 30.69 -6.76
N ILE A 80 34.10 31.90 -6.34
CA ILE A 80 32.71 32.32 -6.38
C ILE A 80 32.56 33.67 -7.09
N GLY A 81 32.05 33.60 -8.32
CA GLY A 81 31.88 34.78 -9.14
C GLY A 81 30.47 35.33 -9.08
N LYS A 82 30.32 36.54 -9.60
CA LYS A 82 29.05 37.27 -9.62
C LYS A 82 28.76 37.69 -11.05
N ARG A 83 27.56 37.42 -11.56
CA ARG A 83 27.24 37.86 -12.91
C ARG A 83 26.63 39.28 -12.88
N SER A 84 26.38 39.84 -14.05
CA SER A 84 25.89 41.22 -14.15
C SER A 84 24.61 41.46 -13.30
N ASP A 85 23.77 40.44 -13.18
CA ASP A 85 22.51 40.52 -12.45
C ASP A 85 22.61 40.34 -10.93
N GLY A 86 23.81 40.19 -10.40
CA GLY A 86 23.99 39.90 -8.99
C GLY A 86 23.95 38.42 -8.66
N ASN A 87 23.63 37.59 -9.65
CA ASN A 87 23.60 36.15 -9.44
C ASN A 87 25.00 35.55 -9.53
N PRO A 88 25.25 34.46 -8.80
CA PRO A 88 26.62 33.94 -8.70
C PRO A 88 26.93 32.85 -9.75
N PHE A 89 28.22 32.57 -9.91
CA PHE A 89 28.65 31.33 -10.54
C PHE A 89 29.81 30.82 -9.69
N VAL A 90 30.14 29.52 -9.80
CA VAL A 90 31.13 28.96 -8.91
C VAL A 90 32.15 28.17 -9.69
N GLY A 91 33.39 28.18 -9.18
CA GLY A 91 34.42 27.29 -9.66
C GLY A 91 34.75 26.23 -8.61
N TYR A 92 34.96 25.00 -9.08
CA TYR A 92 35.42 23.96 -8.16
C TYR A 92 36.33 22.93 -8.81
N ARG A 93 37.20 22.35 -7.99
CA ARG A 93 38.02 21.22 -8.42
C ARG A 93 37.15 20.09 -8.89
N LYS A 94 37.37 19.69 -10.14
CA LYS A 94 36.58 18.60 -10.72
C LYS A 94 36.56 17.45 -9.73
N VAL A 95 35.37 16.92 -9.48
CA VAL A 95 35.23 15.69 -8.71
C VAL A 95 35.67 14.54 -9.62
N GLN A 96 36.78 13.90 -9.26
CA GLN A 96 37.45 12.94 -10.16
C GLN A 96 36.64 11.69 -10.50
N GLY A 97 36.89 11.13 -11.68
CA GLY A 97 36.31 9.84 -12.04
C GLY A 97 35.35 9.86 -13.21
N GLN A 98 34.69 8.72 -13.43
CA GLN A 98 33.77 8.53 -14.53
C GLN A 98 32.32 8.65 -14.05
N ILE A 99 31.50 9.42 -14.78
CA ILE A 99 30.07 9.54 -14.47
C ILE A 99 29.32 8.25 -14.77
N LEU A 100 28.60 7.71 -13.79
CA LEU A 100 27.90 6.44 -14.00
C LEU A 100 26.82 6.46 -15.09
N GLY A 101 25.94 7.47 -15.05
CA GLY A 101 24.77 7.51 -15.94
C GLY A 101 23.76 6.39 -15.68
N GLU A 102 22.58 6.46 -16.28
CA GLU A 102 21.61 5.37 -16.14
C GLU A 102 22.13 4.11 -16.84
N ASP A 103 22.20 4.20 -18.16
CA ASP A 103 22.59 3.10 -19.02
C ASP A 103 23.88 2.38 -18.58
N GLY A 104 24.68 3.04 -17.74
CA GLY A 104 25.99 2.50 -17.38
C GLY A 104 26.04 1.74 -16.06
N MET A 105 24.99 1.87 -15.27
CA MET A 105 24.90 1.09 -14.04
C MET A 105 24.71 -0.37 -14.39
N ALA A 106 24.08 -0.60 -15.55
CA ALA A 106 23.84 -1.94 -16.04
C ALA A 106 25.13 -2.75 -16.18
N VAL A 107 26.08 -2.23 -16.96
CA VAL A 107 27.34 -2.91 -17.18
C VAL A 107 28.42 -2.48 -16.18
N PHE A 108 27.98 -2.21 -14.95
CA PHE A 108 28.92 -1.94 -13.87
C PHE A 108 29.27 -3.26 -13.19
N PRO A 109 30.56 -3.54 -13.05
CA PRO A 109 31.04 -4.81 -12.49
C PRO A 109 30.32 -5.19 -11.21
N ASP A 110 29.81 -6.42 -11.16
CA ASP A 110 28.97 -6.93 -10.07
C ASP A 110 29.54 -6.72 -8.67
N ASP A 111 30.84 -7.02 -8.52
CA ASP A 111 31.52 -6.89 -7.23
C ASP A 111 31.66 -5.43 -6.82
N ALA A 112 31.93 -4.55 -7.78
CA ALA A 112 31.96 -3.11 -7.52
C ALA A 112 30.55 -2.62 -7.18
N LYS A 113 29.57 -3.14 -7.92
CA LYS A 113 28.17 -2.80 -7.68
C LYS A 113 27.80 -2.92 -6.21
N ASP A 114 28.12 -4.04 -5.58
CA ASP A 114 27.82 -4.24 -4.17
C ASP A 114 28.56 -3.25 -3.27
N ARG A 115 29.82 -2.97 -3.61
CA ARG A 115 30.57 -1.97 -2.88
C ARG A 115 29.90 -0.59 -3.05
N LEU A 116 29.43 -0.30 -4.25
CA LEU A 116 28.74 0.98 -4.53
C LEU A 116 27.51 1.16 -3.63
N ALA A 117 26.68 0.11 -3.54
CA ALA A 117 25.44 0.19 -2.78
C ALA A 117 25.72 0.61 -1.35
N LEU A 118 26.83 0.11 -0.82
CA LEU A 118 27.12 0.28 0.60
C LEU A 118 27.62 1.69 0.85
N GLN A 119 28.43 2.20 -0.08
CA GLN A 119 28.88 3.59 -0.04
C GLN A 119 27.71 4.55 -0.17
N LEU A 120 26.81 4.25 -1.10
CA LEU A 120 25.61 5.07 -1.31
C LEU A 120 24.77 5.05 -0.01
N ALA A 121 24.75 3.89 0.65
CA ALA A 121 23.98 3.75 1.87
C ALA A 121 24.56 4.58 3.01
N GLU A 122 25.89 4.60 3.13
CA GLU A 122 26.50 5.43 4.17
C GLU A 122 26.39 6.92 3.83
N PHE A 123 26.48 7.24 2.54
CA PHE A 123 26.23 8.62 2.09
C PHE A 123 24.85 9.11 2.53
N MET A 124 23.80 8.40 2.12
CA MET A 124 22.43 8.77 2.51
C MET A 124 22.29 8.76 4.05
N ASN A 125 22.89 7.77 4.72
CA ASN A 125 22.89 7.78 6.17
C ASN A 125 23.45 9.09 6.71
N GLU A 126 24.52 9.56 6.08
CA GLU A 126 25.22 10.78 6.49
C GLU A 126 24.31 12.02 6.33
N LEU A 127 23.57 12.08 5.23
CA LEU A 127 22.57 13.15 5.05
C LEU A 127 21.49 13.05 6.12
N SER A 128 20.96 11.85 6.33
CA SER A 128 19.88 11.64 7.29
C SER A 128 20.34 11.92 8.72
N ALA A 129 21.65 12.08 8.91
CA ALA A 129 22.17 12.42 10.24
C ALA A 129 22.46 13.92 10.41
N PHE A 130 22.55 14.65 9.31
CA PHE A 130 22.84 16.10 9.40
C PHE A 130 21.69 16.85 10.10
N PRO A 131 22.04 17.64 11.13
CA PRO A 131 21.04 18.31 11.97
C PRO A 131 20.15 19.21 11.11
N VAL A 132 18.86 18.89 11.11
CA VAL A 132 17.90 19.51 10.21
C VAL A 132 17.79 21.04 10.35
N GLU A 133 17.70 21.51 11.59
CA GLU A 133 17.58 22.95 11.79
C GLU A 133 18.86 23.70 11.31
N THR A 134 20.01 23.04 11.37
CA THR A 134 21.24 23.64 10.84
C THR A 134 21.16 23.81 9.31
N ALA A 135 20.63 22.80 8.62
CA ALA A 135 20.45 22.91 7.17
C ALA A 135 19.46 24.06 6.84
N ILE A 136 18.33 24.07 7.53
CA ILE A 136 17.32 25.10 7.35
C ILE A 136 17.93 26.51 7.50
N SER A 137 18.77 26.71 8.51
CA SER A 137 19.44 27.99 8.73
C SER A 137 20.41 28.32 7.59
N ALA A 138 20.74 27.34 6.77
CA ALA A 138 21.65 27.57 5.65
C ALA A 138 20.88 27.60 4.34
N GLY A 139 19.59 27.85 4.44
CA GLY A 139 18.75 28.07 3.29
C GLY A 139 18.21 26.84 2.58
N VAL A 140 18.33 25.66 3.18
CA VAL A 140 17.71 24.48 2.58
C VAL A 140 16.20 24.55 2.79
N PRO A 141 15.42 24.47 1.69
CA PRO A 141 13.96 24.57 1.80
C PRO A 141 13.31 23.34 2.48
N VAL A 142 12.20 23.56 3.19
CA VAL A 142 11.43 22.45 3.77
C VAL A 142 10.34 22.06 2.78
N THR A 143 10.31 20.81 2.35
CA THR A 143 9.34 20.41 1.34
C THR A 143 8.11 19.80 2.01
N ASN A 144 6.96 20.48 1.90
CA ASN A 144 5.72 19.88 2.43
C ASN A 144 5.20 18.90 1.40
N LEU A 145 5.70 17.67 1.50
CA LEU A 145 5.53 16.67 0.45
C LEU A 145 4.07 16.26 0.28
N LYS A 146 3.36 16.26 1.40
CA LYS A 146 1.94 15.89 1.45
C LYS A 146 1.17 16.87 0.59
N ASN A 147 1.25 18.16 0.92
CA ASN A 147 0.57 19.16 0.14
C ASN A 147 1.06 19.19 -1.30
N LYS A 148 2.36 19.00 -1.49
CA LYS A 148 2.94 19.07 -2.85
C LYS A 148 2.40 17.98 -3.77
N ILE A 149 2.18 16.79 -3.22
CA ILE A 149 1.71 15.69 -4.03
C ILE A 149 0.24 15.95 -4.35
N LEU A 150 -0.48 16.48 -3.37
CA LEU A 150 -1.88 16.84 -3.55
C LEU A 150 -2.04 17.80 -4.71
N LEU A 151 -1.29 18.89 -4.69
CA LEU A 151 -1.38 19.87 -5.75
C LEU A 151 -1.11 19.19 -7.07
N LEU A 152 -0.18 18.23 -7.03
CA LEU A 152 0.18 17.49 -8.21
C LEU A 152 -1.02 16.71 -8.73
N SER A 153 -1.72 16.01 -7.84
CA SER A 153 -2.85 15.20 -8.28
C SER A 153 -3.84 16.04 -9.13
N GLU A 154 -4.17 17.24 -8.66
CA GLU A 154 -5.11 18.14 -9.35
C GLU A 154 -4.60 18.61 -10.71
N ALA A 155 -3.37 19.11 -10.74
CA ALA A 155 -2.78 19.58 -11.98
C ALA A 155 -2.68 18.45 -13.02
N VAL A 156 -2.53 17.21 -12.55
CA VAL A 156 -2.59 16.06 -13.46
C VAL A 156 -4.03 15.79 -13.91
N GLU A 157 -4.96 15.94 -12.98
CA GLU A 157 -6.37 15.78 -13.29
C GLU A 157 -6.73 16.78 -14.38
N ASP A 158 -6.39 18.03 -14.12
CA ASP A 158 -6.73 19.15 -14.97
C ASP A 158 -6.01 19.11 -16.32
N GLN A 159 -4.69 18.97 -16.29
CA GLN A 159 -3.89 19.27 -17.48
C GLN A 159 -3.34 18.05 -18.21
N VAL A 160 -3.30 16.91 -17.53
CA VAL A 160 -2.70 15.72 -18.12
C VAL A 160 -3.75 14.72 -18.57
N PHE A 161 -4.83 14.62 -17.79
CA PHE A 161 -5.92 13.71 -18.13
C PHE A 161 -6.44 13.86 -19.56
N PRO A 162 -6.68 15.10 -20.00
CA PRO A 162 -7.22 15.30 -21.35
C PRO A 162 -6.40 14.59 -22.44
N LEU A 163 -5.12 14.35 -22.21
CA LEU A 163 -4.27 13.66 -23.21
C LEU A 163 -4.22 12.13 -23.05
N LEU A 164 -4.74 11.63 -21.93
CA LEU A 164 -4.56 10.22 -21.60
C LEU A 164 -5.78 9.39 -21.97
N ASP A 165 -5.57 8.13 -22.30
CA ASP A 165 -6.69 7.22 -22.50
C ASP A 165 -7.23 6.79 -21.13
N GLU A 166 -8.33 6.06 -21.11
CA GLU A 166 -8.99 5.78 -19.83
C GLU A 166 -8.12 4.94 -18.88
N SER A 167 -7.60 3.84 -19.41
CA SER A 167 -6.72 2.96 -18.65
C SER A 167 -5.60 3.72 -17.92
N LEU A 168 -5.03 4.72 -18.58
CA LEU A 168 -3.94 5.47 -17.97
C LEU A 168 -4.44 6.42 -16.87
N ARG A 169 -5.62 7.00 -17.07
CA ARG A 169 -6.20 7.95 -16.12
C ARG A 169 -6.57 7.25 -14.83
N ASP A 170 -7.30 6.13 -14.98
CA ASP A 170 -7.57 5.20 -13.88
C ASP A 170 -6.28 4.83 -13.15
N TYR A 171 -5.19 4.64 -13.90
CA TYR A 171 -3.94 4.21 -13.29
C TYR A 171 -3.42 5.26 -12.32
N LEU A 172 -3.45 6.52 -12.75
CA LEU A 172 -2.94 7.61 -11.92
C LEU A 172 -3.80 7.85 -10.69
N THR A 173 -5.12 7.91 -10.88
CA THR A 173 -6.05 7.99 -9.76
C THR A 173 -5.68 6.99 -8.63
N LEU A 174 -5.55 5.72 -8.99
CA LEU A 174 -5.18 4.71 -8.00
C LEU A 174 -3.82 5.01 -7.37
N ARG A 175 -2.84 5.45 -8.17
CA ARG A 175 -1.50 5.75 -7.64
C ARG A 175 -1.55 6.87 -6.61
N PHE A 176 -2.16 7.99 -7.00
CA PHE A 176 -2.39 9.11 -6.08
C PHE A 176 -3.21 8.72 -4.85
N GLN A 177 -4.35 8.06 -5.08
CA GLN A 177 -5.10 7.46 -3.98
C GLN A 177 -4.21 6.58 -3.07
N SER A 178 -3.48 5.63 -3.65
CA SER A 178 -2.66 4.72 -2.82
C SER A 178 -1.73 5.48 -1.87
N TYR A 179 -1.08 6.52 -2.41
CA TYR A 179 -0.22 7.35 -1.58
C TYR A 179 -1.01 8.05 -0.46
N MET A 180 -2.14 8.63 -0.81
CA MET A 180 -2.90 9.44 0.15
C MET A 180 -3.72 8.61 1.16
N THR A 181 -4.16 7.44 0.75
CA THR A 181 -5.06 6.64 1.59
C THR A 181 -4.37 5.87 2.72
N HIS A 182 -3.08 5.56 2.57
CA HIS A 182 -2.41 4.71 3.55
C HIS A 182 -1.45 5.52 4.43
N PRO A 183 -1.84 5.76 5.69
CA PRO A 183 -1.09 6.64 6.59
C PRO A 183 0.38 6.24 6.68
N VAL A 184 0.70 4.96 6.48
CA VAL A 184 2.10 4.54 6.54
C VAL A 184 2.96 5.32 5.53
N TYR A 185 2.51 5.39 4.27
CA TYR A 185 3.27 6.06 3.22
C TYR A 185 3.53 7.54 3.50
N THR A 186 2.56 8.20 4.13
CA THR A 186 2.56 9.65 4.30
C THR A 186 3.19 10.11 5.62
N ARG A 187 3.33 9.21 6.58
CA ARG A 187 3.98 9.58 7.84
C ARG A 187 5.49 9.33 7.80
N TYR A 188 6.25 10.33 8.22
CA TYR A 188 7.70 10.27 8.10
C TYR A 188 8.38 11.38 8.91
N THR A 189 9.63 11.12 9.33
CA THR A 189 10.46 12.13 9.96
C THR A 189 11.27 12.88 8.89
N PRO A 190 11.12 14.22 8.83
CA PRO A 190 11.79 15.01 7.78
C PRO A 190 13.29 15.01 7.98
N ARG A 191 14.05 14.83 6.91
CA ARG A 191 15.51 14.77 6.97
C ARG A 191 16.11 15.54 5.80
N LEU A 192 17.35 16.00 5.95
CA LEU A 192 18.06 16.55 4.80
C LEU A 192 18.21 15.44 3.75
N ILE A 193 17.75 15.73 2.53
CA ILE A 193 18.02 14.87 1.40
C ILE A 193 18.78 15.62 0.31
N HIS A 194 19.39 14.88 -0.61
CA HIS A 194 20.13 15.44 -1.76
C HIS A 194 19.16 15.97 -2.80
N GLY A 195 18.17 15.15 -3.17
CA GLY A 195 17.06 15.62 -4.00
C GLY A 195 17.16 15.33 -5.49
N ASP A 196 18.38 15.05 -5.97
CA ASP A 196 18.65 14.80 -7.40
C ASP A 196 19.64 13.64 -7.49
N LEU A 197 19.43 12.65 -6.62
CA LEU A 197 20.39 11.59 -6.40
C LEU A 197 20.30 10.51 -7.48
N SER A 198 20.78 10.83 -8.67
CA SER A 198 20.72 9.94 -9.81
C SER A 198 22.13 9.58 -10.24
N PRO A 199 22.28 8.50 -11.00
CA PRO A 199 23.61 8.01 -11.42
C PRO A 199 24.37 8.94 -12.39
N ASP A 200 23.71 9.96 -12.91
CA ASP A 200 24.43 10.96 -13.71
C ASP A 200 25.12 11.98 -12.80
N HIS A 201 24.98 11.81 -11.49
CA HIS A 201 25.72 12.59 -10.50
C HIS A 201 26.63 11.67 -9.67
N PHE A 202 26.79 10.43 -10.10
CA PHE A 202 27.73 9.54 -9.42
C PHE A 202 29.05 9.48 -10.19
N LEU A 203 30.13 9.86 -9.48
CA LEU A 203 31.49 9.76 -10.02
C LEU A 203 32.16 8.48 -9.52
N THR A 204 32.54 7.61 -10.46
CA THR A 204 33.00 6.26 -10.10
C THR A 204 34.44 5.97 -10.54
N ASN A 205 35.02 4.91 -9.99
CA ASN A 205 36.41 4.53 -10.21
C ASN A 205 36.66 3.03 -10.02
N LEU A 206 36.97 2.34 -11.11
CA LEU A 206 37.21 0.89 -11.06
C LEU A 206 38.64 0.49 -10.61
N ASN A 207 39.46 1.47 -10.28
CA ASN A 207 40.79 1.20 -9.72
C ASN A 207 40.73 1.23 -8.20
N SER A 208 39.53 1.47 -7.68
CA SER A 208 39.30 1.34 -6.25
C SER A 208 38.35 0.17 -5.98
N ARG A 209 38.87 -0.90 -5.39
CA ARG A 209 38.02 -2.04 -5.09
C ARG A 209 37.18 -1.76 -3.84
N GLN A 210 37.78 -1.11 -2.86
CA GLN A 210 37.07 -0.75 -1.62
C GLN A 210 36.10 0.44 -1.78
N THR A 211 36.44 1.38 -2.66
CA THR A 211 35.64 2.61 -2.78
C THR A 211 35.45 3.05 -4.22
N PRO A 212 34.65 2.29 -4.99
CA PRO A 212 34.43 2.64 -6.39
C PRO A 212 33.55 3.89 -6.58
N LEU A 213 32.90 4.36 -5.52
CA LEU A 213 32.24 5.68 -5.55
C LEU A 213 33.19 6.80 -5.08
N THR A 214 33.60 7.64 -6.02
CA THR A 214 34.54 8.72 -5.75
C THR A 214 33.83 9.99 -5.24
N GLY A 215 32.70 10.33 -5.84
CA GLY A 215 31.93 11.43 -5.33
C GLY A 215 30.53 11.58 -5.88
N ILE A 216 29.91 12.68 -5.44
CA ILE A 216 28.56 13.03 -5.81
C ILE A 216 28.44 14.55 -6.01
N ILE A 217 27.74 14.93 -7.08
CA ILE A 217 27.66 16.32 -7.50
C ILE A 217 26.20 16.79 -7.55
N ASP A 218 26.03 18.04 -7.96
CA ASP A 218 24.71 18.62 -8.13
C ASP A 218 23.83 18.51 -6.90
N PHE A 219 24.07 19.36 -5.89
CA PHE A 219 23.21 19.37 -4.71
C PHE A 219 22.07 20.41 -4.85
N GLY A 220 21.75 20.81 -6.08
CA GLY A 220 20.78 21.89 -6.28
C GLY A 220 19.39 21.65 -5.67
N ASP A 221 18.98 20.39 -5.58
CA ASP A 221 17.64 20.10 -5.07
C ASP A 221 17.65 19.72 -3.61
N ALA A 222 18.76 19.97 -2.91
CA ALA A 222 18.82 19.60 -1.51
C ALA A 222 17.65 20.24 -0.77
N ALA A 223 16.96 19.45 0.06
CA ALA A 223 15.78 19.91 0.80
C ALA A 223 15.55 19.07 2.07
N ILE A 224 14.68 19.57 2.94
CA ILE A 224 14.14 18.78 4.04
C ILE A 224 12.85 18.13 3.59
N SER A 225 12.82 16.80 3.57
CA SER A 225 11.67 16.06 3.07
C SER A 225 11.65 14.63 3.63
N ASP A 226 10.96 13.73 2.95
CA ASP A 226 10.90 12.31 3.34
C ASP A 226 12.18 11.64 2.82
N PRO A 227 13.02 11.10 3.73
CA PRO A 227 14.30 10.53 3.27
C PRO A 227 14.06 9.47 2.18
N ASP A 228 12.86 8.91 2.12
CA ASP A 228 12.59 7.90 1.09
C ASP A 228 12.65 8.49 -0.30
N TYR A 229 12.41 9.79 -0.41
CA TYR A 229 12.43 10.45 -1.71
C TYR A 229 13.82 10.36 -2.38
N ASP A 230 14.88 10.38 -1.57
CA ASP A 230 16.23 10.18 -2.13
C ASP A 230 16.40 8.85 -2.85
N TYR A 231 15.46 7.89 -2.69
CA TYR A 231 15.60 6.62 -3.43
C TYR A 231 15.06 6.68 -4.86
N VAL A 232 14.36 7.75 -5.21
CA VAL A 232 13.55 7.76 -6.44
C VAL A 232 14.30 7.44 -7.74
N TYR A 233 15.51 7.98 -7.92
CA TYR A 233 16.24 7.67 -9.16
C TYR A 233 17.01 6.37 -9.05
N LEU A 234 17.31 5.96 -7.82
CA LEU A 234 17.92 4.65 -7.63
C LEU A 234 16.97 3.58 -8.16
N LEU A 235 15.68 3.72 -7.87
CA LEU A 235 14.69 2.76 -8.37
C LEU A 235 14.52 2.91 -9.88
N GLU A 236 14.39 4.16 -10.34
CA GLU A 236 14.16 4.44 -11.75
C GLU A 236 15.33 3.98 -12.63
N ASP A 237 16.55 4.35 -12.25
CA ASP A 237 17.71 4.16 -13.11
C ASP A 237 18.58 2.92 -12.78
N CYS A 238 18.66 2.54 -11.50
CA CYS A 238 19.57 1.45 -11.10
C CYS A 238 18.83 0.13 -10.87
N GLY A 239 17.50 0.20 -10.77
CA GLY A 239 16.70 -1.01 -10.64
C GLY A 239 16.33 -1.31 -9.21
N GLU A 240 15.44 -2.29 -9.03
CA GLU A 240 14.84 -2.59 -7.74
C GLU A 240 15.76 -3.43 -6.86
N LEU A 241 16.50 -4.34 -7.48
CA LEU A 241 17.43 -5.17 -6.72
C LEU A 241 18.53 -4.30 -6.11
N PHE A 242 19.00 -3.31 -6.86
CA PHE A 242 20.05 -2.43 -6.35
C PHE A 242 19.50 -1.61 -5.18
N THR A 243 18.24 -1.17 -5.30
CA THR A 243 17.62 -0.34 -4.28
C THR A 243 17.36 -1.11 -2.97
N ARG A 244 16.89 -2.34 -3.09
CA ARG A 244 16.72 -3.18 -1.90
C ARG A 244 18.07 -3.31 -1.19
N GLN A 245 19.13 -3.55 -1.96
CA GLN A 245 20.50 -3.56 -1.38
C GLN A 245 20.80 -2.30 -0.54
N VAL A 246 20.62 -1.11 -1.13
CA VAL A 246 20.90 0.11 -0.38
C VAL A 246 20.05 0.17 0.88
N MET A 247 18.73 0.02 0.73
CA MET A 247 17.80 0.07 1.87
C MET A 247 18.18 -0.93 2.98
N ALA A 248 18.56 -2.15 2.58
CA ALA A 248 19.01 -3.15 3.54
C ALA A 248 20.27 -2.70 4.26
N TYR A 249 21.22 -2.14 3.50
CA TYR A 249 22.43 -1.61 4.12
C TYR A 249 22.11 -0.47 5.06
N ARG A 250 20.96 0.18 4.87
CA ARG A 250 20.58 1.29 5.75
C ARG A 250 19.76 0.81 6.94
N GLY A 251 19.63 -0.51 7.07
CA GLY A 251 18.89 -1.06 8.18
C GLY A 251 17.39 -0.87 8.06
N GLU A 252 16.88 -0.85 6.84
CA GLU A 252 15.42 -0.77 6.65
C GLU A 252 14.73 -2.13 6.90
N VAL A 253 13.99 -2.22 8.00
CA VAL A 253 13.26 -3.44 8.33
C VAL A 253 12.22 -3.88 7.26
N ASP A 254 11.40 -2.96 6.74
CA ASP A 254 10.34 -3.35 5.79
CA ASP A 254 10.34 -3.35 5.79
C ASP A 254 10.64 -2.90 4.36
N LEU A 255 11.46 -3.68 3.66
CA LEU A 255 11.82 -3.33 2.28
C LEU A 255 10.59 -3.21 1.39
N ASP A 256 9.68 -4.17 1.48
CA ASP A 256 8.49 -4.19 0.62
C ASP A 256 7.63 -2.92 0.74
N THR A 257 7.24 -2.57 1.96
CA THR A 257 6.52 -1.32 2.18
C THR A 257 7.26 -0.12 1.59
N HIS A 258 8.55 -0.01 1.90
CA HIS A 258 9.29 1.17 1.43
C HIS A 258 9.56 1.13 -0.06
N ILE A 259 9.73 -0.06 -0.64
CA ILE A 259 9.88 -0.10 -2.10
C ILE A 259 8.60 0.33 -2.82
N ARG A 260 7.44 -0.14 -2.34
CA ARG A 260 6.18 0.23 -2.96
C ARG A 260 6.00 1.74 -2.88
N LYS A 261 6.38 2.31 -1.74
CA LYS A 261 6.25 3.75 -1.54
C LYS A 261 7.13 4.52 -2.54
N VAL A 262 8.39 4.12 -2.66
CA VAL A 262 9.31 4.73 -3.62
C VAL A 262 8.78 4.56 -5.03
N SER A 263 8.18 3.40 -5.30
CA SER A 263 7.59 3.13 -6.61
C SER A 263 6.61 4.26 -6.97
N LEU A 264 5.78 4.63 -6.00
CA LEU A 264 4.80 5.70 -6.19
C LEU A 264 5.53 7.02 -6.47
N PHE A 265 6.48 7.39 -5.60
CA PHE A 265 7.33 8.55 -5.86
C PHE A 265 7.77 8.59 -7.33
N VAL A 266 8.22 7.45 -7.86
CA VAL A 266 8.64 7.43 -9.26
C VAL A 266 7.48 7.87 -10.15
N THR A 267 6.36 7.16 -10.06
CA THR A 267 5.17 7.55 -10.83
C THR A 267 4.91 9.06 -10.74
N PHE A 268 4.98 9.62 -9.54
CA PHE A 268 4.71 11.05 -9.36
C PHE A 268 5.77 11.92 -10.03
N ASP A 269 6.97 11.37 -10.22
CA ASP A 269 8.01 12.12 -10.89
C ASP A 269 7.82 12.10 -12.38
N GLN A 270 7.43 10.94 -12.91
CA GLN A 270 7.19 10.75 -14.34
C GLN A 270 6.07 11.69 -14.82
N VAL A 271 5.07 11.89 -13.96
CA VAL A 271 3.94 12.72 -14.33
C VAL A 271 4.19 14.20 -14.06
N SER A 272 4.97 14.50 -13.02
CA SER A 272 5.40 15.88 -12.79
C SER A 272 6.34 16.33 -13.91
N TYR A 273 6.96 15.36 -14.58
CA TYR A 273 7.79 15.65 -15.74
C TYR A 273 6.94 16.16 -16.90
N LEU A 274 6.06 15.29 -17.41
CA LEU A 274 5.10 15.63 -18.47
C LEU A 274 4.40 16.97 -18.19
N LEU A 275 3.77 17.07 -17.02
CA LEU A 275 3.10 18.28 -16.57
C LEU A 275 3.95 19.56 -16.72
N GLU A 276 5.27 19.42 -16.62
CA GLU A 276 6.18 20.56 -16.75
C GLU A 276 6.46 20.85 -18.23
N GLY A 277 6.69 19.79 -19.01
CA GLY A 277 6.76 19.92 -20.45
C GLY A 277 5.48 20.53 -21.01
N LEU A 278 4.34 20.13 -20.45
CA LEU A 278 3.04 20.70 -20.80
C LEU A 278 3.00 22.21 -20.56
N ARG A 279 3.22 22.61 -19.32
CA ARG A 279 3.25 24.03 -18.96
C ARG A 279 4.22 24.83 -19.84
N ALA A 280 5.22 24.17 -20.41
CA ALA A 280 6.24 24.86 -21.16
C ALA A 280 6.08 24.78 -22.68
N ARG A 281 4.96 24.24 -23.15
CA ARG A 281 4.67 24.20 -24.58
C ARG A 281 5.65 23.36 -25.41
N ASP A 282 6.57 22.66 -24.74
CA ASP A 282 7.55 21.86 -25.46
C ASP A 282 6.93 20.60 -26.08
N GLN A 283 6.96 20.52 -27.41
CA GLN A 283 6.25 19.50 -28.18
C GLN A 283 6.73 18.06 -28.04
N ASP A 284 7.88 17.86 -27.39
CA ASP A 284 8.44 16.52 -27.30
C ASP A 284 8.98 16.23 -25.91
N TRP A 285 9.08 17.28 -25.11
CA TRP A 285 9.11 17.15 -23.66
C TRP A 285 7.65 16.94 -23.28
N ILE A 286 6.94 16.24 -24.17
CA ILE A 286 5.52 15.98 -24.04
C ILE A 286 5.24 14.59 -24.60
N SER A 287 5.71 14.35 -25.83
CA SER A 287 5.60 13.01 -26.40
C SER A 287 6.64 12.10 -25.77
N GLU A 288 7.48 12.68 -24.91
CA GLU A 288 8.43 11.93 -24.11
C GLU A 288 7.83 11.62 -22.73
N GLY A 289 7.34 12.64 -22.04
CA GLY A 289 6.72 12.46 -20.74
C GLY A 289 5.60 11.43 -20.76
N LEU A 290 4.90 11.36 -21.89
CA LEU A 290 3.85 10.36 -22.11
C LEU A 290 4.43 8.95 -22.29
N GLU A 291 5.56 8.85 -22.96
CA GLU A 291 6.19 7.56 -23.19
C GLU A 291 6.52 6.87 -21.87
N LEU A 292 7.03 7.66 -20.92
CA LEU A 292 7.49 7.15 -19.64
C LEU A 292 6.35 6.81 -18.68
N LEU A 293 5.23 7.53 -18.80
CA LEU A 293 4.03 7.21 -18.03
C LEU A 293 3.50 5.84 -18.42
N GLU A 294 3.42 5.59 -19.72
CA GLU A 294 2.91 4.33 -20.25
C GLU A 294 3.76 3.18 -19.77
N GLU A 295 5.06 3.41 -19.67
CA GLU A 295 6.00 2.36 -19.28
C GLU A 295 6.06 2.20 -17.77
N ASP A 296 6.00 3.33 -17.06
CA ASP A 296 5.79 3.30 -15.62
C ASP A 296 4.54 2.48 -15.30
N LYS A 297 3.53 2.59 -16.16
CA LYS A 297 2.30 1.79 -16.03
C LYS A 297 2.67 0.34 -16.32
N ALA A 298 3.35 0.15 -17.44
CA ALA A 298 3.88 -1.15 -17.85
C ALA A 298 4.69 -1.83 -16.73
N ASN A 299 5.77 -1.20 -16.28
CA ASN A 299 6.61 -1.78 -15.23
C ASN A 299 5.82 -2.20 -13.99
N ASN A 300 4.73 -1.49 -13.70
CA ASN A 300 3.93 -1.82 -12.52
C ASN A 300 2.78 -2.75 -12.83
N PHE A 301 2.83 -3.33 -14.04
CA PHE A 301 2.06 -4.52 -14.43
C PHE A 301 1.54 -5.35 -13.24
N GLY A 302 0.41 -4.94 -12.68
CA GLY A 302 -0.25 -5.72 -11.64
C GLY A 302 0.05 -5.42 -10.17
N ALA A 303 0.32 -4.16 -9.84
CA ALA A 303 0.47 -3.74 -8.43
C ALA A 303 -0.71 -2.89 -7.95
N GLN B 3 -25.45 -30.21 22.94
CA GLN B 3 -24.12 -30.20 23.56
C GLN B 3 -23.79 -31.49 24.31
N ASN B 4 -23.48 -31.34 25.60
CA ASN B 4 -22.92 -32.43 26.43
C ASN B 4 -21.46 -32.71 26.06
N LYS B 5 -20.54 -32.11 26.81
CA LYS B 5 -19.15 -32.06 26.41
C LYS B 5 -18.43 -33.38 26.75
N LEU B 6 -19.18 -34.38 27.17
CA LEU B 6 -18.61 -35.71 27.41
C LEU B 6 -19.01 -36.61 26.26
N HIS B 7 -20.13 -36.24 25.65
CA HIS B 7 -20.71 -36.93 24.52
C HIS B 7 -19.95 -36.59 23.22
N TYR B 8 -19.31 -35.42 23.19
CA TYR B 8 -18.43 -35.08 22.07
C TYR B 8 -17.15 -35.89 22.19
N THR B 9 -16.63 -35.96 23.40
CA THR B 9 -15.44 -36.72 23.71
C THR B 9 -15.64 -38.20 23.38
N THR B 10 -16.81 -38.72 23.69
CA THR B 10 -17.10 -40.13 23.46
C THR B 10 -17.09 -40.44 21.97
N MET B 11 -17.59 -39.53 21.14
CA MET B 11 -17.64 -39.75 19.69
CA MET B 11 -17.63 -39.77 19.70
C MET B 11 -16.24 -39.75 19.08
N ILE B 12 -15.35 -38.90 19.61
CA ILE B 12 -13.98 -38.83 19.12
C ILE B 12 -13.25 -40.14 19.45
N MET B 13 -13.25 -40.51 20.72
CA MET B 13 -12.68 -41.79 21.15
C MET B 13 -13.13 -42.93 20.26
N THR B 14 -14.44 -43.05 20.04
CA THR B 14 -14.98 -44.16 19.25
C THR B 14 -14.46 -44.16 17.80
N GLN B 15 -14.47 -42.99 17.15
CA GLN B 15 -14.17 -42.94 15.71
C GLN B 15 -12.70 -42.67 15.44
N PHE B 16 -12.00 -42.13 16.43
CA PHE B 16 -10.56 -41.89 16.32
C PHE B 16 -9.86 -42.32 17.61
N PRO B 17 -9.81 -43.65 17.87
CA PRO B 17 -9.26 -44.15 19.14
C PRO B 17 -7.78 -43.86 19.33
N ASP B 18 -7.06 -43.54 18.25
CA ASP B 18 -5.63 -43.26 18.37
C ASP B 18 -5.31 -41.83 18.80
N ILE B 19 -6.32 -40.99 18.92
CA ILE B 19 -6.09 -39.70 19.56
C ILE B 19 -5.99 -39.96 21.06
N SER B 20 -4.84 -39.63 21.65
CA SER B 20 -4.69 -39.81 23.09
C SER B 20 -5.12 -38.56 23.82
N ILE B 21 -6.33 -38.58 24.35
CA ILE B 21 -6.92 -37.39 24.95
C ILE B 21 -6.35 -37.08 26.34
N GLN B 22 -5.66 -35.95 26.46
CA GLN B 22 -5.21 -35.47 27.77
C GLN B 22 -6.01 -34.24 28.23
N SER B 23 -6.53 -33.47 27.28
CA SER B 23 -7.22 -32.23 27.60
C SER B 23 -8.30 -31.91 26.59
N VAL B 24 -9.46 -31.55 27.12
CA VAL B 24 -10.59 -31.11 26.34
C VAL B 24 -11.09 -29.83 27.01
N GLU B 25 -11.20 -28.75 26.25
CA GLU B 25 -11.71 -27.48 26.79
CA GLU B 25 -11.74 -27.51 26.80
C GLU B 25 -12.64 -26.80 25.80
N SER B 26 -13.56 -25.99 26.31
CA SER B 26 -14.40 -25.21 25.41
C SER B 26 -13.55 -24.21 24.65
N LEU B 27 -13.75 -24.11 23.35
CA LEU B 27 -12.99 -23.19 22.55
C LEU B 27 -13.84 -21.98 22.19
N GLY B 28 -14.97 -22.24 21.54
CA GLY B 28 -15.79 -21.15 21.06
C GLY B 28 -17.06 -21.69 20.46
N GLU B 29 -17.94 -20.78 20.04
CA GLU B 29 -19.28 -21.20 19.65
C GLU B 29 -20.05 -20.15 18.87
N GLY B 30 -20.48 -20.52 17.67
CA GLY B 30 -21.40 -19.69 16.91
C GLY B 30 -22.83 -20.25 16.81
N PHE B 31 -23.56 -19.79 15.80
CA PHE B 31 -24.92 -20.24 15.59
C PHE B 31 -24.97 -21.57 14.86
N ARG B 32 -23.89 -21.93 14.17
CA ARG B 32 -23.93 -23.12 13.35
C ARG B 32 -23.18 -24.29 13.98
N ASN B 33 -22.24 -23.96 14.85
CA ASN B 33 -21.25 -24.92 15.32
C ASN B 33 -20.85 -24.72 16.77
N TYR B 34 -20.48 -25.83 17.40
CA TYR B 34 -19.87 -25.82 18.71
C TYR B 34 -18.47 -26.40 18.52
N ALA B 35 -17.47 -25.67 18.99
CA ALA B 35 -16.07 -26.06 18.80
C ALA B 35 -15.41 -26.29 20.15
N ILE B 36 -14.72 -27.43 20.28
CA ILE B 36 -13.86 -27.69 21.45
C ILE B 36 -12.39 -27.86 21.08
N LEU B 37 -11.53 -27.58 22.06
CA LEU B 37 -10.09 -27.72 21.88
C LEU B 37 -9.57 -28.99 22.58
N VAL B 38 -8.99 -29.90 21.80
CA VAL B 38 -8.38 -31.12 22.37
C VAL B 38 -6.85 -31.04 22.39
N ASN B 39 -6.27 -31.38 23.54
CA ASN B 39 -4.82 -31.35 23.74
C ASN B 39 -4.18 -30.01 23.40
N GLY B 40 -4.93 -28.93 23.62
CA GLY B 40 -4.45 -27.60 23.28
C GLY B 40 -4.18 -27.47 21.79
N ASP B 41 -4.41 -28.56 21.06
CA ASP B 41 -3.88 -28.75 19.72
C ASP B 41 -4.96 -28.82 18.65
N TRP B 42 -6.00 -29.59 18.93
CA TRP B 42 -6.96 -29.93 17.89
C TRP B 42 -8.32 -29.35 18.13
N VAL B 43 -8.78 -28.54 17.18
CA VAL B 43 -10.16 -28.09 17.22
C VAL B 43 -11.07 -29.17 16.69
N PHE B 44 -12.07 -29.56 17.48
CA PHE B 44 -13.13 -30.40 16.95
C PHE B 44 -14.40 -29.58 16.90
N ARG B 45 -15.09 -29.64 15.77
CA ARG B 45 -16.14 -28.68 15.47
C ARG B 45 -17.45 -29.38 15.11
N PHE B 46 -18.45 -29.23 15.98
CA PHE B 46 -19.71 -29.98 15.84
C PHE B 46 -20.89 -29.09 15.45
N PRO B 47 -21.43 -29.28 14.23
CA PRO B 47 -22.60 -28.55 13.78
C PRO B 47 -23.71 -28.61 14.81
N LYS B 48 -24.44 -27.51 15.01
CA LYS B 48 -25.52 -27.47 16.00
C LYS B 48 -26.90 -27.64 15.37
N SER B 49 -26.97 -27.74 14.05
CA SER B 49 -28.24 -27.74 13.34
C SER B 49 -28.01 -28.32 11.98
N GLN B 50 -29.09 -28.73 11.33
CA GLN B 50 -29.00 -29.20 9.94
C GLN B 50 -28.30 -28.18 9.03
N GLN B 51 -28.68 -26.89 9.13
CA GLN B 51 -28.05 -25.85 8.33
C GLN B 51 -26.53 -25.88 8.58
N GLY B 52 -26.17 -25.94 9.86
CA GLY B 52 -24.80 -26.07 10.29
C GLY B 52 -24.09 -27.21 9.58
N ALA B 53 -24.79 -28.34 9.47
CA ALA B 53 -24.25 -29.53 8.83
C ALA B 53 -24.10 -29.31 7.33
N ASP B 54 -25.10 -28.67 6.72
CA ASP B 54 -25.03 -28.36 5.30
C ASP B 54 -23.86 -27.44 4.96
N GLU B 55 -23.59 -26.47 5.83
CA GLU B 55 -22.50 -25.53 5.58
C GLU B 55 -21.17 -26.24 5.72
N LEU B 56 -20.99 -26.98 6.80
CA LEU B 56 -19.82 -27.84 6.96
C LEU B 56 -19.57 -28.69 5.69
N ASN B 57 -20.61 -29.30 5.13
CA ASN B 57 -20.43 -30.12 3.92
C ASN B 57 -19.87 -29.34 2.74
N LYS B 58 -20.36 -28.11 2.59
CA LYS B 58 -19.81 -27.20 1.59
C LYS B 58 -18.33 -26.89 1.92
N GLU B 59 -18.09 -26.52 3.18
CA GLU B 59 -16.74 -26.32 3.70
C GLU B 59 -15.78 -27.48 3.39
N ILE B 60 -16.26 -28.70 3.57
CA ILE B 60 -15.42 -29.88 3.39
C ILE B 60 -14.94 -29.98 1.94
N GLN B 61 -15.80 -29.57 1.01
CA GLN B 61 -15.44 -29.67 -0.39
C GLN B 61 -14.54 -28.51 -0.80
N LEU B 62 -14.78 -27.36 -0.18
CA LEU B 62 -14.12 -26.13 -0.63
C LEU B 62 -12.70 -26.02 -0.05
N LEU B 63 -12.60 -26.19 1.27
CA LEU B 63 -11.37 -25.86 1.98
C LEU B 63 -10.10 -26.55 1.46
N PRO B 64 -10.19 -27.83 1.05
CA PRO B 64 -9.00 -28.44 0.44
C PRO B 64 -8.60 -27.79 -0.88
N LEU B 65 -9.58 -27.22 -1.58
CA LEU B 65 -9.29 -26.53 -2.84
C LEU B 65 -8.63 -25.18 -2.58
N LEU B 66 -8.95 -24.60 -1.43
CA LEU B 66 -8.54 -23.23 -1.13
C LEU B 66 -7.10 -23.08 -0.64
N VAL B 67 -6.58 -24.07 0.07
CA VAL B 67 -5.30 -23.91 0.75
C VAL B 67 -4.19 -23.41 -0.15
N GLY B 68 -4.04 -24.03 -1.32
CA GLY B 68 -2.96 -23.69 -2.23
C GLY B 68 -3.06 -22.26 -2.74
N CYS B 69 -4.27 -21.71 -2.73
CA CYS B 69 -4.49 -20.41 -3.33
C CYS B 69 -4.54 -19.31 -2.28
N VAL B 70 -4.61 -19.69 -1.00
CA VAL B 70 -4.61 -18.72 0.08
C VAL B 70 -3.29 -18.72 0.84
N LYS B 71 -2.80 -17.55 1.20
CA LYS B 71 -1.50 -17.42 1.84
C LYS B 71 -1.62 -17.55 3.36
N VAL B 72 -2.70 -17.02 3.95
CA VAL B 72 -2.89 -17.16 5.39
C VAL B 72 -3.38 -18.55 5.74
N ASN B 73 -3.41 -18.84 7.03
CA ASN B 73 -3.85 -20.17 7.46
C ASN B 73 -5.37 -20.30 7.54
N ILE B 74 -5.90 -21.40 7.00
CA ILE B 74 -7.34 -21.70 7.11
C ILE B 74 -7.53 -23.11 7.65
N PRO B 75 -8.72 -23.41 8.21
CA PRO B 75 -8.88 -24.76 8.74
C PRO B 75 -8.56 -25.80 7.67
N GLN B 76 -7.91 -26.90 8.06
CA GLN B 76 -7.68 -28.02 7.15
C GLN B 76 -8.15 -29.28 7.84
N TYR B 77 -9.30 -29.80 7.41
CA TYR B 77 -9.99 -30.87 8.15
C TYR B 77 -9.26 -32.19 8.02
N VAL B 78 -8.53 -32.53 9.08
CA VAL B 78 -7.71 -33.74 9.13
C VAL B 78 -8.51 -34.93 9.67
N TYR B 79 -9.46 -34.62 10.54
CA TYR B 79 -10.39 -35.63 10.99
C TYR B 79 -11.82 -35.28 10.53
N ILE B 80 -12.44 -36.18 9.77
CA ILE B 80 -13.83 -35.97 9.38
C ILE B 80 -14.68 -37.10 9.98
N GLY B 81 -15.48 -36.73 10.98
CA GLY B 81 -16.27 -37.69 11.74
C GLY B 81 -17.72 -37.68 11.32
N LYS B 82 -18.53 -38.46 12.02
CA LYS B 82 -19.90 -38.69 11.57
C LYS B 82 -20.86 -38.96 12.72
N ARG B 83 -21.90 -38.15 12.82
CA ARG B 83 -22.92 -38.35 13.84
C ARG B 83 -23.87 -39.47 13.42
N SER B 84 -24.76 -39.88 14.33
CA SER B 84 -25.68 -41.00 14.11
C SER B 84 -26.71 -40.71 13.04
N ASP B 85 -26.94 -39.42 12.76
CA ASP B 85 -27.84 -38.98 11.72
C ASP B 85 -27.15 -38.99 10.34
N GLY B 86 -25.85 -39.27 10.32
CA GLY B 86 -25.08 -39.23 9.07
C GLY B 86 -24.58 -37.85 8.69
N ASN B 87 -24.74 -36.87 9.60
CA ASN B 87 -24.13 -35.56 9.39
C ASN B 87 -22.67 -35.57 9.90
N PRO B 88 -21.80 -34.76 9.27
CA PRO B 88 -20.36 -34.78 9.64
C PRO B 88 -19.97 -33.86 10.80
N PHE B 89 -18.83 -34.16 11.40
CA PHE B 89 -18.13 -33.20 12.25
C PHE B 89 -16.65 -33.30 11.86
N VAL B 90 -15.82 -32.35 12.29
CA VAL B 90 -14.44 -32.31 11.80
C VAL B 90 -13.48 -31.89 12.90
N GLY B 91 -12.23 -32.34 12.80
CA GLY B 91 -11.18 -31.79 13.62
C GLY B 91 -10.08 -31.23 12.76
N TYR B 92 -9.52 -30.11 13.19
CA TYR B 92 -8.41 -29.52 12.47
C TYR B 92 -7.42 -28.90 13.43
N ARG B 93 -6.17 -28.78 13.00
CA ARG B 93 -5.21 -28.10 13.85
C ARG B 93 -5.67 -26.67 14.07
N LYS B 94 -5.76 -26.30 15.35
CA LYS B 94 -6.09 -24.94 15.72
C LYS B 94 -5.31 -23.93 14.89
N VAL B 95 -6.03 -23.05 14.23
CA VAL B 95 -5.45 -21.85 13.60
C VAL B 95 -4.87 -20.97 14.72
N GLN B 96 -3.57 -20.68 14.63
CA GLN B 96 -2.87 -20.09 15.77
C GLN B 96 -3.15 -18.59 15.98
N GLY B 97 -3.03 -18.16 17.24
CA GLY B 97 -3.11 -16.75 17.54
C GLY B 97 -4.31 -16.32 18.37
N GLN B 98 -4.52 -15.01 18.41
CA GLN B 98 -5.58 -14.44 19.21
C GLN B 98 -6.69 -13.92 18.30
N ILE B 99 -7.93 -14.32 18.60
CA ILE B 99 -9.10 -13.85 17.89
C ILE B 99 -9.24 -12.34 18.05
N LEU B 100 -9.29 -11.62 16.93
CA LEU B 100 -9.44 -10.16 16.97
C LEU B 100 -10.71 -9.63 17.66
N GLY B 101 -11.89 -10.00 17.13
CA GLY B 101 -13.18 -9.48 17.62
C GLY B 101 -13.38 -7.99 17.36
N GLU B 102 -14.59 -7.46 17.62
CA GLU B 102 -14.83 -6.01 17.53
C GLU B 102 -14.04 -5.31 18.65
N ASP B 103 -13.98 -5.99 19.79
CA ASP B 103 -13.12 -5.65 20.92
C ASP B 103 -11.71 -5.15 20.53
N GLY B 104 -10.79 -6.10 20.31
CA GLY B 104 -9.39 -5.77 20.11
C GLY B 104 -8.95 -5.08 18.83
N MET B 105 -9.86 -4.90 17.87
CA MET B 105 -9.53 -4.11 16.68
C MET B 105 -9.48 -2.63 17.06
N ALA B 106 -10.36 -2.25 17.99
CA ALA B 106 -10.40 -0.90 18.52
C ALA B 106 -9.06 -0.52 19.13
N VAL B 107 -8.42 -1.52 19.75
CA VAL B 107 -7.19 -1.31 20.52
C VAL B 107 -5.95 -1.75 19.75
N PHE B 108 -6.10 -2.04 18.45
CA PHE B 108 -4.98 -2.64 17.71
C PHE B 108 -3.93 -1.63 17.28
N PRO B 109 -2.67 -1.89 17.67
CA PRO B 109 -1.48 -1.10 17.34
C PRO B 109 -1.57 -0.47 15.95
N ASP B 110 -1.25 0.81 15.86
CA ASP B 110 -1.33 1.56 14.61
C ASP B 110 -0.63 0.83 13.47
N ASP B 111 0.68 0.69 13.59
CA ASP B 111 1.50 0.07 12.55
C ASP B 111 0.97 -1.29 12.11
N ALA B 112 0.62 -2.14 13.08
CA ALA B 112 0.08 -3.46 12.79
C ALA B 112 -1.19 -3.36 11.95
N LYS B 113 -1.94 -2.28 12.17
CA LYS B 113 -3.23 -2.12 11.53
C LYS B 113 -3.06 -1.98 10.01
N ASP B 114 -2.00 -1.31 9.59
CA ASP B 114 -1.78 -1.13 8.16
C ASP B 114 -1.50 -2.47 7.48
N ARG B 115 -0.67 -3.30 8.12
CA ARG B 115 -0.33 -4.59 7.54
C ARG B 115 -1.51 -5.56 7.56
N LEU B 116 -2.34 -5.49 8.59
CA LEU B 116 -3.62 -6.21 8.58
C LEU B 116 -4.41 -5.86 7.33
N ALA B 117 -4.63 -4.56 7.12
CA ALA B 117 -5.40 -4.09 5.97
C ALA B 117 -4.86 -4.66 4.67
N LEU B 118 -3.52 -4.67 4.51
CA LEU B 118 -2.96 -5.17 3.28
C LEU B 118 -3.13 -6.70 3.17
N GLN B 119 -2.94 -7.40 4.28
CA GLN B 119 -3.13 -8.86 4.26
C GLN B 119 -4.58 -9.23 3.97
N LEU B 120 -5.50 -8.53 4.64
CA LEU B 120 -6.92 -8.73 4.42
C LEU B 120 -7.22 -8.51 2.94
N ALA B 121 -6.57 -7.50 2.36
CA ALA B 121 -6.77 -7.17 0.95
C ALA B 121 -6.25 -8.30 0.08
N GLU B 122 -5.01 -8.72 0.34
CA GLU B 122 -4.44 -9.85 -0.38
C GLU B 122 -5.37 -11.05 -0.37
N PHE B 123 -5.88 -11.38 0.81
CA PHE B 123 -6.77 -12.53 1.01
C PHE B 123 -8.06 -12.46 0.18
N MET B 124 -8.70 -11.28 0.16
CA MET B 124 -9.94 -11.13 -0.59
C MET B 124 -9.64 -11.17 -2.07
N ASN B 125 -8.50 -10.60 -2.47
CA ASN B 125 -8.05 -10.74 -3.85
C ASN B 125 -7.94 -12.21 -4.22
N GLU B 126 -7.29 -12.97 -3.36
CA GLU B 126 -7.19 -14.41 -3.54
C GLU B 126 -8.56 -15.07 -3.75
N LEU B 127 -9.54 -14.76 -2.89
CA LEU B 127 -10.88 -15.34 -3.09
C LEU B 127 -11.50 -14.92 -4.42
N SER B 128 -11.43 -13.62 -4.73
CA SER B 128 -11.94 -13.07 -5.99
C SER B 128 -11.26 -13.65 -7.25
N ALA B 129 -10.12 -14.28 -7.06
CA ALA B 129 -9.46 -14.94 -8.18
C ALA B 129 -9.81 -16.43 -8.28
N PHE B 130 -10.37 -17.02 -7.22
CA PHE B 130 -10.75 -18.43 -7.28
C PHE B 130 -11.85 -18.68 -8.31
N PRO B 131 -11.64 -19.69 -9.18
CA PRO B 131 -12.62 -19.87 -10.27
C PRO B 131 -14.00 -20.22 -9.71
N VAL B 132 -15.01 -19.47 -10.17
CA VAL B 132 -16.37 -19.65 -9.69
C VAL B 132 -16.90 -21.05 -10.01
N GLU B 133 -16.72 -21.50 -11.25
CA GLU B 133 -17.32 -22.78 -11.63
C GLU B 133 -16.70 -23.91 -10.81
N THR B 134 -15.44 -23.74 -10.41
CA THR B 134 -14.75 -24.66 -9.51
C THR B 134 -15.41 -24.73 -8.12
N ALA B 135 -15.69 -23.58 -7.51
CA ALA B 135 -16.32 -23.59 -6.21
C ALA B 135 -17.76 -24.07 -6.38
N ILE B 136 -18.38 -23.69 -7.49
CA ILE B 136 -19.70 -24.19 -7.73
C ILE B 136 -19.68 -25.71 -7.66
N SER B 137 -18.82 -26.32 -8.45
CA SER B 137 -18.79 -27.77 -8.52
CA SER B 137 -18.78 -27.78 -8.52
C SER B 137 -18.44 -28.38 -7.16
N ALA B 138 -17.98 -27.55 -6.22
CA ALA B 138 -17.66 -28.06 -4.89
C ALA B 138 -18.76 -27.81 -3.87
N GLY B 139 -20.00 -27.64 -4.35
CA GLY B 139 -21.13 -27.37 -3.49
C GLY B 139 -21.35 -25.91 -3.09
N VAL B 140 -20.51 -24.99 -3.57
CA VAL B 140 -20.69 -23.57 -3.17
C VAL B 140 -21.98 -22.95 -3.80
N PRO B 141 -22.88 -22.41 -2.96
CA PRO B 141 -24.20 -21.97 -3.48
C PRO B 141 -24.13 -20.64 -4.24
N VAL B 142 -24.92 -20.49 -5.31
CA VAL B 142 -24.92 -19.21 -6.04
C VAL B 142 -25.98 -18.28 -5.47
N THR B 143 -25.55 -17.09 -5.05
CA THR B 143 -26.46 -16.16 -4.43
C THR B 143 -26.98 -15.21 -5.48
N ASN B 144 -28.29 -15.25 -5.74
CA ASN B 144 -28.90 -14.26 -6.61
C ASN B 144 -29.24 -13.03 -5.77
N LEU B 145 -28.28 -12.11 -5.68
CA LEU B 145 -28.36 -11.02 -4.72
C LEU B 145 -29.50 -10.02 -5.01
N LYS B 146 -29.76 -9.75 -6.28
CA LYS B 146 -30.82 -8.82 -6.59
C LYS B 146 -32.18 -9.45 -6.23
N ASN B 147 -32.37 -10.69 -6.61
CA ASN B 147 -33.61 -11.36 -6.24
C ASN B 147 -33.74 -11.53 -4.72
N LYS B 148 -32.62 -11.71 -4.07
CA LYS B 148 -32.59 -11.90 -2.62
C LYS B 148 -32.96 -10.61 -1.88
N ILE B 149 -32.51 -9.48 -2.41
CA ILE B 149 -32.78 -8.20 -1.79
C ILE B 149 -34.24 -7.80 -1.97
N LEU B 150 -34.77 -8.04 -3.18
CA LEU B 150 -36.17 -7.82 -3.48
C LEU B 150 -37.09 -8.56 -2.50
N LEU B 151 -36.85 -9.87 -2.36
CA LEU B 151 -37.64 -10.69 -1.45
C LEU B 151 -37.49 -10.17 -0.03
N LEU B 152 -36.29 -9.75 0.30
CA LEU B 152 -36.04 -9.27 1.64
C LEU B 152 -36.90 -8.05 1.90
N SER B 153 -36.90 -7.11 0.94
CA SER B 153 -37.66 -5.89 1.16
C SER B 153 -39.14 -6.20 1.38
N GLU B 154 -39.72 -7.09 0.58
CA GLU B 154 -41.16 -7.38 0.70
C GLU B 154 -41.50 -8.00 2.06
N ALA B 155 -40.66 -8.91 2.53
CA ALA B 155 -40.95 -9.59 3.80
C ALA B 155 -40.69 -8.68 5.01
N VAL B 156 -39.76 -7.74 4.84
CA VAL B 156 -39.56 -6.70 5.86
C VAL B 156 -40.80 -5.81 5.94
N GLU B 157 -41.28 -5.32 4.80
CA GLU B 157 -42.46 -4.46 4.80
C GLU B 157 -43.60 -5.14 5.54
N ASP B 158 -43.78 -6.42 5.27
CA ASP B 158 -44.89 -7.19 5.80
C ASP B 158 -44.71 -7.59 7.28
N GLN B 159 -43.60 -8.25 7.59
CA GLN B 159 -43.39 -8.83 8.92
C GLN B 159 -42.62 -7.95 9.91
N VAL B 160 -41.80 -7.02 9.40
CA VAL B 160 -40.97 -6.21 10.29
C VAL B 160 -41.57 -4.82 10.60
N PHE B 161 -41.97 -4.12 9.56
CA PHE B 161 -42.52 -2.75 9.70
C PHE B 161 -43.43 -2.51 10.91
N PRO B 162 -44.39 -3.43 11.17
CA PRO B 162 -45.37 -3.21 12.26
C PRO B 162 -44.73 -3.00 13.62
N LEU B 163 -43.45 -3.38 13.77
CA LEU B 163 -42.73 -3.18 15.02
C LEU B 163 -41.91 -1.91 15.02
N LEU B 164 -41.97 -1.14 13.94
CA LEU B 164 -41.10 0.02 13.82
C LEU B 164 -41.88 1.33 13.81
N ASP B 165 -41.26 2.39 14.30
CA ASP B 165 -41.87 3.70 14.19
C ASP B 165 -41.79 4.16 12.74
N GLU B 166 -42.34 5.33 12.47
CA GLU B 166 -42.34 5.85 11.11
C GLU B 166 -40.93 6.19 10.64
N SER B 167 -40.11 6.72 11.55
CA SER B 167 -38.74 7.11 11.21
C SER B 167 -37.94 5.97 10.60
N LEU B 168 -37.98 4.81 11.27
CA LEU B 168 -37.19 3.66 10.86
C LEU B 168 -37.78 3.09 9.57
N ARG B 169 -39.11 2.92 9.57
CA ARG B 169 -39.85 2.47 8.41
C ARG B 169 -39.47 3.24 7.14
N ASP B 170 -39.64 4.57 7.17
CA ASP B 170 -39.14 5.43 6.10
C ASP B 170 -37.67 5.17 5.76
N TYR B 171 -36.80 5.17 6.77
CA TYR B 171 -35.38 4.90 6.55
C TYR B 171 -35.12 3.65 5.70
N LEU B 172 -35.82 2.55 6.02
CA LEU B 172 -35.66 1.30 5.28
C LEU B 172 -36.26 1.34 3.87
N THR B 173 -37.39 2.06 3.74
CA THR B 173 -37.96 2.33 2.41
C THR B 173 -36.92 3.02 1.52
N LEU B 174 -36.26 4.04 2.06
CA LEU B 174 -35.18 4.71 1.34
C LEU B 174 -34.03 3.77 1.00
N ARG B 175 -33.55 3.04 2.01
CA ARG B 175 -32.35 2.21 1.86
C ARG B 175 -32.56 1.18 0.77
N PHE B 176 -33.63 0.40 0.88
CA PHE B 176 -33.96 -0.59 -0.14
C PHE B 176 -34.10 0.08 -1.49
N GLN B 177 -34.70 1.26 -1.50
CA GLN B 177 -34.86 2.03 -2.74
C GLN B 177 -33.51 2.39 -3.30
N SER B 178 -32.65 2.96 -2.47
CA SER B 178 -31.30 3.30 -2.93
C SER B 178 -30.66 2.11 -3.66
N TYR B 179 -30.66 0.93 -3.02
CA TYR B 179 -30.08 -0.24 -3.68
C TYR B 179 -30.70 -0.52 -5.05
N MET B 180 -32.03 -0.57 -5.12
CA MET B 180 -32.69 -1.05 -6.33
C MET B 180 -32.79 -0.01 -7.46
N THR B 181 -32.65 1.27 -7.12
CA THR B 181 -32.86 2.36 -8.11
C THR B 181 -31.62 2.69 -8.94
N HIS B 182 -30.46 2.28 -8.45
CA HIS B 182 -29.20 2.68 -9.08
C HIS B 182 -28.43 1.47 -9.58
N PRO B 183 -28.34 1.32 -10.90
CA PRO B 183 -27.70 0.17 -11.56
C PRO B 183 -26.21 0.06 -11.22
N VAL B 184 -25.59 1.19 -10.86
CA VAL B 184 -24.22 1.18 -10.34
C VAL B 184 -24.06 0.22 -9.16
N TYR B 185 -25.18 -0.10 -8.49
CA TYR B 185 -25.15 -0.96 -7.30
C TYR B 185 -25.42 -2.41 -7.66
N THR B 186 -26.35 -2.62 -8.59
CA THR B 186 -26.89 -3.94 -8.87
C THR B 186 -26.07 -4.65 -9.96
N ARG B 187 -25.07 -3.96 -10.46
CA ARG B 187 -24.24 -4.48 -11.53
C ARG B 187 -22.91 -4.95 -10.94
N TYR B 188 -22.61 -6.23 -11.10
CA TYR B 188 -21.43 -6.77 -10.47
C TYR B 188 -21.02 -8.11 -11.09
N THR B 189 -19.73 -8.42 -11.00
CA THR B 189 -19.23 -9.71 -11.43
C THR B 189 -19.27 -10.71 -10.27
N PRO B 190 -19.82 -11.90 -10.51
CA PRO B 190 -19.89 -12.90 -9.43
C PRO B 190 -18.47 -13.34 -9.00
N ARG B 191 -18.20 -13.32 -7.70
CA ARG B 191 -16.96 -13.84 -7.14
C ARG B 191 -17.26 -14.85 -6.01
N LEU B 192 -16.29 -15.71 -5.70
CA LEU B 192 -16.32 -16.45 -4.45
C LEU B 192 -16.08 -15.44 -3.34
N ILE B 193 -16.97 -15.43 -2.34
CA ILE B 193 -16.76 -14.64 -1.13
C ILE B 193 -16.70 -15.55 0.11
N HIS B 194 -16.15 -15.01 1.20
CA HIS B 194 -16.06 -15.74 2.45
C HIS B 194 -17.44 -15.76 3.09
N GLY B 195 -18.09 -14.60 3.11
CA GLY B 195 -19.49 -14.50 3.51
C GLY B 195 -19.70 -14.23 4.98
N ASP B 196 -18.65 -14.43 5.78
CA ASP B 196 -18.74 -14.18 7.22
C ASP B 196 -17.43 -13.56 7.72
N LEU B 197 -16.81 -12.79 6.82
CA LEU B 197 -15.49 -12.19 7.01
C LEU B 197 -15.46 -11.16 8.14
N SER B 198 -15.49 -11.64 9.38
CA SER B 198 -15.63 -10.80 10.56
C SER B 198 -14.45 -10.97 11.52
N PRO B 199 -14.16 -9.94 12.34
CA PRO B 199 -13.02 -9.98 13.27
C PRO B 199 -13.10 -11.12 14.27
N ASP B 200 -14.28 -11.71 14.44
CA ASP B 200 -14.44 -12.93 15.24
C ASP B 200 -13.77 -14.14 14.58
N HIS B 201 -13.45 -14.02 13.28
CA HIS B 201 -12.77 -15.10 12.56
C HIS B 201 -11.35 -14.67 12.09
N PHE B 202 -10.83 -13.62 12.70
CA PHE B 202 -9.46 -13.18 12.42
C PHE B 202 -8.56 -13.69 13.52
N LEU B 203 -7.56 -14.48 13.14
CA LEU B 203 -6.58 -14.98 14.09
C LEU B 203 -5.33 -14.14 13.92
N THR B 204 -4.93 -13.48 15.01
CA THR B 204 -3.90 -12.45 14.89
C THR B 204 -2.69 -12.63 15.80
N ASN B 205 -1.61 -11.98 15.41
CA ASN B 205 -0.38 -11.97 16.20
C ASN B 205 0.09 -10.53 16.31
N LEU B 206 -0.16 -9.90 17.46
CA LEU B 206 0.09 -8.47 17.62
C LEU B 206 1.57 -8.18 17.78
N ASN B 207 2.36 -9.21 18.01
CA ASN B 207 3.80 -9.01 18.10
C ASN B 207 4.60 -9.57 16.91
N SER B 208 3.88 -9.95 15.86
CA SER B 208 4.49 -10.15 14.55
C SER B 208 4.31 -8.88 13.72
N ARG B 209 5.36 -8.45 13.03
CA ARG B 209 5.31 -7.17 12.31
C ARG B 209 4.84 -7.30 10.86
N GLN B 210 5.37 -8.30 10.17
CA GLN B 210 5.04 -8.48 8.75
C GLN B 210 3.73 -9.27 8.57
N THR B 211 3.31 -9.98 9.62
CA THR B 211 2.23 -10.96 9.48
C THR B 211 1.28 -10.94 10.67
N PRO B 212 0.75 -9.75 11.03
CA PRO B 212 -0.14 -9.68 12.20
C PRO B 212 -1.37 -10.56 12.03
N LEU B 213 -1.70 -10.93 10.79
CA LEU B 213 -2.79 -11.88 10.53
C LEU B 213 -2.25 -13.29 10.25
N THR B 214 -2.52 -14.20 11.17
CA THR B 214 -2.05 -15.59 11.09
C THR B 214 -2.98 -16.41 10.18
N GLY B 215 -4.29 -16.24 10.38
CA GLY B 215 -5.28 -17.03 9.66
C GLY B 215 -6.73 -16.55 9.75
N ILE B 216 -7.61 -17.28 9.05
CA ILE B 216 -9.04 -16.98 9.03
C ILE B 216 -9.93 -18.23 9.04
N ILE B 217 -10.92 -18.25 9.94
CA ILE B 217 -11.77 -19.43 10.13
C ILE B 217 -13.19 -19.28 9.62
N ASP B 218 -14.01 -20.29 9.93
CA ASP B 218 -15.44 -20.29 9.65
C ASP B 218 -15.80 -19.89 8.22
N PHE B 219 -15.66 -20.83 7.28
CA PHE B 219 -16.07 -20.59 5.90
C PHE B 219 -17.47 -21.09 5.64
N GLY B 220 -18.26 -21.22 6.70
CA GLY B 220 -19.62 -21.74 6.54
C GLY B 220 -20.48 -20.98 5.54
N ASP B 221 -20.20 -19.68 5.40
CA ASP B 221 -21.05 -18.86 4.54
C ASP B 221 -20.52 -18.64 3.15
N ALA B 222 -19.49 -19.40 2.76
CA ALA B 222 -18.88 -19.21 1.43
C ALA B 222 -19.97 -19.33 0.35
N ALA B 223 -19.99 -18.37 -0.56
CA ALA B 223 -21.03 -18.28 -1.61
C ALA B 223 -20.47 -17.56 -2.84
N ILE B 224 -21.15 -17.75 -3.97
CA ILE B 224 -20.88 -16.93 -5.13
C ILE B 224 -21.82 -15.73 -5.06
N SER B 225 -21.26 -14.52 -5.10
CA SER B 225 -22.11 -13.34 -4.95
C SER B 225 -21.35 -12.06 -5.25
N ASP B 226 -21.86 -10.94 -4.74
CA ASP B 226 -21.21 -9.65 -4.94
C ASP B 226 -20.01 -9.54 -4.00
N PRO B 227 -18.81 -9.41 -4.59
CA PRO B 227 -17.59 -9.35 -3.76
C PRO B 227 -17.63 -8.25 -2.70
N ASP B 228 -18.38 -7.17 -2.98
CA ASP B 228 -18.51 -6.08 -2.01
C ASP B 228 -19.20 -6.57 -0.75
N TYR B 229 -19.94 -7.68 -0.84
CA TYR B 229 -20.60 -8.19 0.35
C TYR B 229 -19.56 -8.67 1.36
N ASP B 230 -18.33 -8.92 0.91
CA ASP B 230 -17.32 -9.34 1.87
C ASP B 230 -16.79 -8.20 2.72
N TYR B 231 -17.23 -6.98 2.40
CA TYR B 231 -16.84 -5.83 3.21
C TYR B 231 -17.72 -5.55 4.45
N VAL B 232 -18.94 -6.12 4.46
CA VAL B 232 -19.93 -5.78 5.50
C VAL B 232 -19.41 -5.72 6.94
N TYR B 233 -18.74 -6.76 7.40
CA TYR B 233 -18.32 -6.77 8.80
C TYR B 233 -17.16 -5.83 9.01
N LEU B 234 -16.30 -5.69 8.00
CA LEU B 234 -15.22 -4.69 8.08
C LEU B 234 -15.76 -3.26 8.25
N LEU B 235 -16.88 -2.95 7.59
CA LEU B 235 -17.42 -1.59 7.73
C LEU B 235 -18.08 -1.45 9.10
N GLU B 236 -18.86 -2.45 9.48
CA GLU B 236 -19.62 -2.37 10.73
C GLU B 236 -18.68 -2.44 11.92
N ASP B 237 -17.75 -3.40 11.91
CA ASP B 237 -16.96 -3.70 13.10
C ASP B 237 -15.61 -2.99 13.12
N CYS B 238 -15.04 -2.75 11.93
CA CYS B 238 -13.67 -2.22 11.84
C CYS B 238 -13.63 -0.75 11.47
N GLY B 239 -14.73 -0.25 10.93
CA GLY B 239 -14.85 1.18 10.66
C GLY B 239 -14.59 1.51 9.21
N GLU B 240 -15.08 2.68 8.80
CA GLU B 240 -14.98 3.14 7.43
C GLU B 240 -13.53 3.43 6.97
N LEU B 241 -12.68 3.91 7.88
CA LEU B 241 -11.25 4.12 7.54
C LEU B 241 -10.57 2.83 7.10
N PHE B 242 -10.47 1.89 8.03
CA PHE B 242 -9.88 0.60 7.75
C PHE B 242 -10.38 0.05 6.42
N THR B 243 -11.71 0.05 6.26
CA THR B 243 -12.35 -0.52 5.08
C THR B 243 -11.86 0.14 3.78
N ARG B 244 -11.65 1.47 3.82
CA ARG B 244 -11.11 2.18 2.67
C ARG B 244 -9.67 1.76 2.39
N GLN B 245 -8.89 1.53 3.44
CA GLN B 245 -7.51 0.99 3.28
C GLN B 245 -7.57 -0.25 2.39
N VAL B 246 -8.39 -1.21 2.80
CA VAL B 246 -8.46 -2.50 2.13
C VAL B 246 -8.89 -2.31 0.69
N MET B 247 -10.02 -1.64 0.46
CA MET B 247 -10.51 -1.40 -0.89
C MET B 247 -9.42 -0.71 -1.71
N ALA B 248 -8.77 0.26 -1.09
CA ALA B 248 -7.66 0.96 -1.77
C ALA B 248 -6.58 -0.05 -2.14
N TYR B 249 -6.09 -0.78 -1.14
CA TYR B 249 -5.14 -1.87 -1.41
C TYR B 249 -5.62 -2.83 -2.51
N ARG B 250 -6.94 -2.99 -2.64
CA ARG B 250 -7.47 -3.96 -3.61
C ARG B 250 -7.57 -3.42 -5.04
N GLY B 251 -7.28 -2.13 -5.21
CA GLY B 251 -7.31 -1.50 -6.54
C GLY B 251 -8.60 -0.81 -6.92
N GLU B 252 -9.41 -0.48 -5.92
CA GLU B 252 -10.74 0.14 -6.15
C GLU B 252 -10.69 1.66 -6.47
N VAL B 253 -10.99 2.01 -7.72
CA VAL B 253 -11.04 3.42 -8.16
C VAL B 253 -12.17 4.23 -7.51
N ASP B 254 -13.27 3.58 -7.18
CA ASP B 254 -14.48 4.29 -6.78
C ASP B 254 -14.84 4.11 -5.30
N LEU B 255 -13.93 4.52 -4.41
CA LEU B 255 -14.12 4.30 -2.97
C LEU B 255 -15.53 4.69 -2.46
N ASP B 256 -15.90 5.95 -2.70
CA ASP B 256 -17.18 6.50 -2.24
C ASP B 256 -18.39 5.67 -2.68
N THR B 257 -18.46 5.36 -3.97
CA THR B 257 -19.51 4.49 -4.47
C THR B 257 -19.55 3.19 -3.65
N HIS B 258 -18.40 2.53 -3.57
CA HIS B 258 -18.41 1.18 -3.04
C HIS B 258 -18.68 1.14 -1.54
N ILE B 259 -18.20 2.15 -0.82
CA ILE B 259 -18.55 2.28 0.59
C ILE B 259 -20.04 2.55 0.76
N ARG B 260 -20.62 3.37 -0.10
CA ARG B 260 -22.08 3.58 -0.09
C ARG B 260 -22.78 2.23 -0.19
N LYS B 261 -22.54 1.56 -1.30
CA LYS B 261 -23.09 0.24 -1.55
C LYS B 261 -22.93 -0.66 -0.31
N VAL B 262 -21.71 -0.79 0.20
CA VAL B 262 -21.45 -1.62 1.38
C VAL B 262 -22.25 -1.17 2.61
N SER B 263 -22.46 0.14 2.76
CA SER B 263 -23.28 0.66 3.85
C SER B 263 -24.71 0.15 3.72
N LEU B 264 -25.18 0.05 2.48
CA LEU B 264 -26.50 -0.48 2.20
C LEU B 264 -26.54 -1.92 2.66
N PHE B 265 -25.50 -2.69 2.29
CA PHE B 265 -25.42 -4.10 2.66
C PHE B 265 -25.49 -4.27 4.17
N VAL B 266 -24.71 -3.45 4.91
CA VAL B 266 -24.82 -3.46 6.38
C VAL B 266 -26.28 -3.32 6.84
N THR B 267 -27.04 -2.43 6.21
CA THR B 267 -28.43 -2.26 6.63
C THR B 267 -29.25 -3.52 6.37
N PHE B 268 -29.09 -4.11 5.18
CA PHE B 268 -29.88 -5.29 4.85
C PHE B 268 -29.53 -6.44 5.79
N ASP B 269 -28.23 -6.63 6.05
CA ASP B 269 -27.81 -7.64 7.02
C ASP B 269 -28.51 -7.46 8.36
N GLN B 270 -28.64 -6.22 8.82
CA GLN B 270 -29.23 -5.96 10.12
C GLN B 270 -30.73 -6.31 10.10
N VAL B 271 -31.41 -5.90 9.03
CA VAL B 271 -32.84 -6.12 8.97
C VAL B 271 -33.19 -7.58 8.69
N SER B 272 -32.33 -8.30 7.97
CA SER B 272 -32.57 -9.73 7.79
C SER B 272 -32.25 -10.50 9.10
N TYR B 273 -31.43 -9.89 9.95
CA TYR B 273 -31.17 -10.47 11.26
C TYR B 273 -32.44 -10.41 12.12
N LEU B 274 -33.09 -9.25 12.03
CA LEU B 274 -34.31 -8.97 12.76
C LEU B 274 -35.46 -9.82 12.24
N LEU B 275 -35.55 -9.92 10.91
CA LEU B 275 -36.57 -10.74 10.26
C LEU B 275 -36.49 -12.21 10.73
N GLU B 276 -35.28 -12.77 10.67
CA GLU B 276 -34.99 -14.12 11.17
C GLU B 276 -35.38 -14.23 12.65
N GLY B 277 -34.90 -13.29 13.47
CA GLY B 277 -35.31 -13.19 14.85
C GLY B 277 -36.81 -13.31 15.10
N LEU B 278 -37.62 -12.60 14.31
CA LEU B 278 -39.07 -12.64 14.45
C LEU B 278 -39.64 -14.04 14.14
N ARG B 279 -39.16 -14.65 13.07
CA ARG B 279 -39.73 -15.92 12.64
C ARG B 279 -39.47 -16.98 13.70
N ALA B 280 -38.22 -17.05 14.17
CA ALA B 280 -37.89 -17.94 15.28
C ALA B 280 -38.61 -17.53 16.58
N ARG B 281 -39.19 -16.34 16.60
CA ARG B 281 -39.77 -15.83 17.83
C ARG B 281 -38.73 -15.91 18.95
N ASP B 282 -37.51 -15.46 18.65
CA ASP B 282 -36.48 -15.33 19.66
C ASP B 282 -36.43 -13.88 20.17
N GLN B 283 -36.71 -13.69 21.47
CA GLN B 283 -36.76 -12.33 22.04
C GLN B 283 -35.40 -11.62 22.03
N ASP B 284 -34.32 -12.40 22.14
CA ASP B 284 -32.95 -11.84 22.09
C ASP B 284 -32.60 -11.37 20.69
N TRP B 285 -32.89 -12.20 19.69
CA TRP B 285 -32.72 -11.82 18.29
C TRP B 285 -33.48 -10.50 18.00
N ILE B 286 -34.76 -10.49 18.35
CA ILE B 286 -35.62 -9.34 18.07
C ILE B 286 -35.07 -8.08 18.72
N SER B 287 -34.92 -8.10 20.04
CA SER B 287 -34.48 -6.92 20.75
C SER B 287 -33.15 -6.44 20.19
N GLU B 288 -32.26 -7.38 19.88
CA GLU B 288 -30.92 -7.02 19.38
C GLU B 288 -30.97 -6.40 17.97
N GLY B 289 -31.82 -6.96 17.12
CA GLY B 289 -31.96 -6.44 15.76
C GLY B 289 -32.57 -5.05 15.74
N LEU B 290 -33.53 -4.81 16.63
CA LEU B 290 -34.06 -3.46 16.82
C LEU B 290 -32.95 -2.49 17.24
N GLU B 291 -32.19 -2.86 18.28
CA GLU B 291 -31.04 -2.06 18.72
C GLU B 291 -30.15 -1.73 17.51
N LEU B 292 -29.89 -2.76 16.72
CA LEU B 292 -28.98 -2.64 15.57
C LEU B 292 -29.47 -1.65 14.50
N LEU B 293 -30.74 -1.73 14.13
CA LEU B 293 -31.31 -0.79 13.14
C LEU B 293 -31.37 0.65 13.63
N GLU B 294 -31.86 0.85 14.85
CA GLU B 294 -31.87 2.18 15.45
C GLU B 294 -30.50 2.85 15.34
N GLU B 295 -29.45 2.11 15.66
CA GLU B 295 -28.07 2.62 15.58
C GLU B 295 -27.61 2.85 14.14
N ASP B 296 -28.00 1.93 13.27
CA ASP B 296 -27.73 2.06 11.84
C ASP B 296 -28.39 3.33 11.30
N LYS B 297 -29.67 3.53 11.62
CA LYS B 297 -30.37 4.72 11.16
C LYS B 297 -29.62 5.95 11.67
N ALA B 298 -29.30 5.93 12.96
CA ALA B 298 -28.61 7.06 13.58
C ALA B 298 -27.34 7.38 12.80
N ASN B 299 -26.58 6.34 12.46
CA ASN B 299 -25.28 6.55 11.82
C ASN B 299 -25.32 7.15 10.42
N ASN B 300 -26.24 6.68 9.59
CA ASN B 300 -26.36 7.18 8.22
C ASN B 300 -27.28 8.40 8.14
N PHE B 301 -27.40 9.13 9.24
CA PHE B 301 -28.36 10.22 9.34
CA PHE B 301 -28.39 10.20 9.30
C PHE B 301 -27.94 11.46 8.54
PB GDP C . 22.25 20.76 -13.35
O1B GDP C . 21.66 21.86 -14.21
O2B GDP C . 21.75 19.45 -13.94
O3B GDP C . 21.82 20.96 -11.91
O3A GDP C . 23.87 20.85 -13.47
PA GDP C . 24.87 19.81 -12.76
O1A GDP C . 25.39 20.31 -11.42
O2A GDP C . 24.36 18.39 -12.63
O5' GDP C . 26.06 19.77 -13.84
C5' GDP C . 25.64 19.43 -15.17
C4' GDP C . 26.56 18.36 -15.70
O4' GDP C . 27.92 18.81 -15.69
C3' GDP C . 26.59 17.10 -14.84
O3' GDP C . 25.47 16.24 -15.12
C2' GDP C . 27.92 16.49 -15.23
O2' GDP C . 27.85 15.82 -16.49
C1' GDP C . 28.80 17.72 -15.41
N9 GDP C . 29.61 17.93 -14.18
C8 GDP C . 29.43 18.85 -13.20
N7 GDP C . 30.36 18.73 -12.21
C5 GDP C . 31.17 17.71 -12.54
C6 GDP C . 32.37 17.05 -11.98
O6 GDP C . 32.87 17.44 -10.89
N1 GDP C . 32.91 16.02 -12.65
C2 GDP C . 32.40 15.58 -13.83
N2 GDP C . 32.98 14.54 -14.47
N3 GDP C . 31.30 16.15 -14.41
C4 GDP C . 30.66 17.19 -13.83
MG MG D . 22.35 17.80 -12.61
MG MG E . 20.85 20.76 -10.17
MG MG F . 14.18 24.04 -8.06
PB GDP G . -20.01 -20.96 13.70
O1B GDP G . -21.28 -21.36 14.47
O2B GDP G . -19.91 -19.46 13.64
O3B GDP G . -20.08 -21.58 12.32
O3A GDP G . -18.72 -21.57 14.43
PA GDP G . -17.21 -21.09 14.09
O1A GDP G . -16.66 -21.88 12.91
O2A GDP G . -17.08 -19.60 13.91
O5' GDP G . -16.47 -21.50 15.47
C5' GDP G . -17.08 -20.98 16.65
C4' GDP G . -16.02 -20.36 17.51
O4' GDP G . -15.01 -21.33 17.80
C3' GDP G . -15.26 -19.27 16.75
O3' GDP G . -16.02 -18.06 16.73
C2' GDP G . -13.94 -19.23 17.49
O2' GDP G . -14.00 -18.39 18.66
C1' GDP G . -13.73 -20.68 17.92
N9 GDP G . -12.76 -21.28 16.96
C8 GDP G . -13.05 -22.03 15.89
N7 GDP G . -11.94 -22.41 15.21
C5 GDP G . -10.90 -21.84 15.86
C6 GDP G . -9.43 -21.82 15.70
O6 GDP G . -8.86 -22.43 14.77
N1 GDP G . -8.73 -21.10 16.59
C2 GDP G . -9.28 -20.46 17.63
N2 GDP G . -8.48 -19.79 18.50
N3 GDP G . -10.61 -20.43 17.85
C4 GDP G . -11.44 -21.10 17.01
MG MG H . -18.36 -18.08 13.25
MG MG I . -20.09 -20.41 10.58
MG MG J . -26.53 -20.90 5.81
#